data_1AE9
#
_entry.id   1AE9
#
_cell.length_a   107.320
_cell.length_b   107.320
_cell.length_c   108.710
_cell.angle_alpha   90.00
_cell.angle_beta   90.00
_cell.angle_gamma   120.00
#
_symmetry.space_group_name_H-M   'H 3'
#
loop_
_entity.id
_entity.type
_entity.pdbx_description
1 polymer 'LAMBDA INTEGRASE'
2 water water
#
_entity_poly.entity_id   1
_entity_poly.type   'polypeptide(L)'
_entity_poly.pdbx_seq_one_letter_code
;RSRLTADEYLKIYQAAESSPCWLRLAMELAVVTGQRVGDLCEMKWSDIVDGYLYVEQSKTGVKIAIPTALHIDALGISMK
ETLDKCKEILGGETIIASTRREPLSSGTVSRYFMRARKASGLSFEGDPPTFHELRSLSARLYEKQISDKFAQHLLGHKSD
TMASQFRDDRGREWDKIEI
;
_entity_poly.pdbx_strand_id   A,B
#
# COMPACT_ATOMS: atom_id res chain seq x y z
N ARG A 1 14.30 17.88 -10.35
CA ARG A 1 14.08 16.41 -10.31
C ARG A 1 12.59 16.13 -10.09
N SER A 2 12.11 15.05 -10.70
CA SER A 2 10.72 14.62 -10.63
C SER A 2 10.28 14.28 -9.21
N ARG A 3 8.99 14.48 -8.95
CA ARG A 3 8.40 14.17 -7.66
C ARG A 3 7.91 12.71 -7.75
N LEU A 4 7.44 12.16 -6.64
CA LEU A 4 6.93 10.80 -6.63
C LEU A 4 5.52 10.86 -6.07
N THR A 5 4.54 10.35 -6.82
CA THR A 5 3.16 10.36 -6.37
C THR A 5 2.86 9.10 -5.54
N ALA A 6 1.71 9.09 -4.88
CA ALA A 6 1.31 7.93 -4.09
C ALA A 6 1.16 6.68 -4.95
N ASP A 7 0.56 6.82 -6.14
CA ASP A 7 0.37 5.67 -7.03
C ASP A 7 1.73 5.14 -7.52
N GLU A 8 2.67 6.05 -7.78
CA GLU A 8 4.00 5.67 -8.23
C GLU A 8 4.75 4.94 -7.12
N TYR A 9 4.54 5.37 -5.88
CA TYR A 9 5.17 4.73 -4.72
C TYR A 9 4.75 3.26 -4.67
N LEU A 10 3.47 3.00 -4.95
CA LEU A 10 2.95 1.63 -4.93
C LEU A 10 3.53 0.76 -6.06
N LYS A 11 3.80 1.36 -7.22
CA LYS A 11 4.39 0.60 -8.33
C LYS A 11 5.81 0.16 -7.95
N ILE A 12 6.56 1.08 -7.35
CA ILE A 12 7.93 0.79 -6.91
C ILE A 12 7.88 -0.23 -5.77
N TYR A 13 6.92 -0.08 -4.87
CA TYR A 13 6.72 -0.99 -3.74
C TYR A 13 6.51 -2.41 -4.28
N GLN A 14 5.68 -2.53 -5.31
CA GLN A 14 5.40 -3.82 -5.95
C GLN A 14 6.71 -4.38 -6.52
N ALA A 15 7.41 -3.52 -7.25
CA ALA A 15 8.67 -3.88 -7.89
C ALA A 15 9.73 -4.33 -6.89
N ALA A 16 9.60 -3.90 -5.64
CA ALA A 16 10.53 -4.25 -4.57
C ALA A 16 10.33 -5.69 -4.08
N GLU A 17 9.45 -6.42 -4.76
CA GLU A 17 9.18 -7.80 -4.43
C GLU A 17 10.48 -8.63 -4.42
N SER A 18 11.42 -8.30 -5.31
CA SER A 18 12.68 -9.03 -5.35
C SER A 18 13.85 -8.31 -4.69
N SER A 19 13.54 -7.31 -3.88
CA SER A 19 14.56 -6.54 -3.17
C SER A 19 14.71 -7.09 -1.75
N PRO A 20 15.79 -6.69 -1.04
CA PRO A 20 15.96 -7.19 0.33
C PRO A 20 14.73 -6.79 1.15
N CYS A 21 14.36 -7.62 2.12
CA CYS A 21 13.20 -7.40 2.98
C CYS A 21 13.12 -6.00 3.62
N TRP A 22 14.27 -5.39 3.88
CA TRP A 22 14.29 -4.07 4.49
C TRP A 22 13.88 -2.91 3.60
N LEU A 23 13.92 -3.08 2.27
CA LEU A 23 13.57 -2.00 1.36
C LEU A 23 12.14 -1.49 1.54
N ARG A 24 11.16 -2.38 1.48
CA ARG A 24 9.76 -2.00 1.65
C ARG A 24 9.53 -1.34 3.01
N LEU A 25 10.18 -1.87 4.04
CA LEU A 25 10.03 -1.32 5.39
C LEU A 25 10.66 0.07 5.51
N ALA A 26 11.81 0.27 4.87
CA ALA A 26 12.45 1.58 4.89
C ALA A 26 11.56 2.59 4.14
N MET A 27 10.94 2.14 3.05
CA MET A 27 10.04 2.99 2.26
C MET A 27 8.85 3.45 3.10
N GLU A 28 8.24 2.50 3.81
CA GLU A 28 7.11 2.81 4.66
C GLU A 28 7.51 3.78 5.78
N LEU A 29 8.64 3.51 6.42
CA LEU A 29 9.11 4.34 7.51
C LEU A 29 9.43 5.76 7.02
N ALA A 30 9.94 5.89 5.81
CA ALA A 30 10.27 7.19 5.25
C ALA A 30 9.02 8.04 5.03
N VAL A 31 7.95 7.42 4.55
CA VAL A 31 6.71 8.13 4.29
C VAL A 31 5.92 8.45 5.57
N VAL A 32 5.84 7.52 6.50
CA VAL A 32 5.08 7.76 7.72
C VAL A 32 5.80 8.67 8.76
N THR A 33 7.13 8.73 8.72
CA THR A 33 7.84 9.59 9.68
C THR A 33 8.32 10.87 9.02
N GLY A 34 8.42 10.88 7.69
CA GLY A 34 8.90 12.05 6.97
C GLY A 34 10.35 12.43 7.22
N GLN A 35 11.13 11.54 7.83
CA GLN A 35 12.53 11.83 8.13
C GLN A 35 13.51 11.55 6.99
N ARG A 36 14.59 12.35 6.93
CA ARG A 36 15.60 12.19 5.90
C ARG A 36 16.19 10.79 6.03
N VAL A 37 16.66 10.22 4.92
CA VAL A 37 17.22 8.86 4.92
C VAL A 37 18.37 8.67 5.91
N GLY A 38 19.20 9.71 6.07
CA GLY A 38 20.31 9.63 7.01
C GLY A 38 19.79 9.37 8.40
N ASP A 39 18.70 10.03 8.76
CA ASP A 39 18.12 9.82 10.09
C ASP A 39 17.37 8.50 10.22
N LEU A 40 16.77 8.01 9.13
CA LEU A 40 16.07 6.73 9.18
C LEU A 40 17.09 5.65 9.53
N CYS A 41 18.26 5.72 8.88
CA CYS A 41 19.33 4.76 9.10
C CYS A 41 19.94 4.82 10.51
N GLU A 42 19.75 5.94 11.21
CA GLU A 42 20.28 6.12 12.57
C GLU A 42 19.33 5.68 13.70
N MET A 43 18.02 5.64 13.40
CA MET A 43 17.01 5.25 14.38
C MET A 43 17.26 3.91 15.04
N LYS A 44 17.11 3.87 16.36
CA LYS A 44 17.31 2.64 17.14
C LYS A 44 16.10 2.40 18.03
N TRP A 45 15.93 1.16 18.48
CA TRP A 45 14.81 0.80 19.34
C TRP A 45 14.82 1.56 20.66
N SER A 46 16.01 1.92 21.14
CA SER A 46 16.14 2.68 22.38
C SER A 46 15.62 4.12 22.24
N ASP A 47 15.35 4.54 21.01
CA ASP A 47 14.84 5.88 20.74
C ASP A 47 13.32 5.96 20.93
N ILE A 48 12.68 4.82 21.13
CA ILE A 48 11.24 4.78 21.33
C ILE A 48 10.95 4.65 22.82
N VAL A 49 10.28 5.66 23.37
CA VAL A 49 9.94 5.68 24.79
C VAL A 49 8.50 6.11 24.94
N ASP A 50 7.71 5.30 25.62
CA ASP A 50 6.29 5.59 25.87
C ASP A 50 5.51 6.06 24.64
N GLY A 51 5.56 5.26 23.59
CA GLY A 51 4.84 5.61 22.37
C GLY A 51 5.37 6.78 21.56
N TYR A 52 6.64 7.14 21.76
CA TYR A 52 7.24 8.24 21.00
C TYR A 52 8.63 7.87 20.50
N LEU A 53 8.88 8.16 19.22
CA LEU A 53 10.17 7.90 18.59
C LEU A 53 10.92 9.23 18.59
N TYR A 54 11.98 9.30 19.38
CA TYR A 54 12.79 10.52 19.52
C TYR A 54 13.82 10.60 18.42
N VAL A 55 13.83 11.71 17.70
CA VAL A 55 14.75 11.91 16.60
C VAL A 55 15.48 13.24 16.65
N GLU A 56 16.80 13.19 16.63
CA GLU A 56 17.58 14.41 16.56
C GLU A 56 18.15 14.37 15.15
N GLN A 57 17.69 15.27 14.30
CA GLN A 57 18.13 15.29 12.93
C GLN A 57 19.63 15.58 12.86
N SER A 58 20.34 14.69 12.19
CA SER A 58 21.79 14.75 12.03
C SER A 58 22.29 16.05 11.41
N LYS A 59 21.61 16.50 10.37
CA LYS A 59 22.00 17.70 9.66
C LYS A 59 21.66 19.02 10.37
N THR A 60 20.42 19.14 10.83
CA THR A 60 19.93 20.37 11.45
C THR A 60 19.99 20.47 12.97
N GLY A 61 20.02 19.33 13.66
CA GLY A 61 20.04 19.35 15.11
C GLY A 61 18.65 19.49 15.70
N VAL A 62 17.63 19.53 14.85
CA VAL A 62 16.24 19.64 15.30
C VAL A 62 15.85 18.37 16.05
N LYS A 63 15.32 18.53 17.26
CA LYS A 63 14.91 17.41 18.09
C LYS A 63 13.38 17.28 18.20
N ILE A 64 12.83 16.19 17.68
CA ILE A 64 11.39 15.98 17.69
C ILE A 64 10.99 14.63 18.28
N ALA A 65 9.81 14.57 18.87
CA ALA A 65 9.28 13.34 19.43
C ALA A 65 8.08 12.96 18.55
N ILE A 66 8.23 11.88 17.78
CA ILE A 66 7.19 11.45 16.86
C ILE A 66 6.26 10.39 17.46
N PRO A 67 4.95 10.67 17.52
CA PRO A 67 4.03 9.68 18.09
C PRO A 67 3.93 8.48 17.16
N THR A 68 4.12 7.28 17.71
CA THR A 68 4.07 6.06 16.92
C THR A 68 2.67 5.66 16.47
N ALA A 69 1.68 6.45 16.85
CA ALA A 69 0.30 6.18 16.47
C ALA A 69 -0.02 6.73 15.07
N LEU A 70 0.93 7.45 14.49
CA LEU A 70 0.73 8.04 13.15
C LEU A 70 0.37 7.01 12.09
N HIS A 71 -0.40 7.46 11.09
CA HIS A 71 -0.84 6.64 9.97
C HIS A 71 -0.79 7.51 8.74
N ILE A 72 -0.51 6.89 7.60
CA ILE A 72 -0.54 7.60 6.31
C ILE A 72 -1.72 6.90 5.64
N ASP A 73 -2.88 7.54 5.76
CA ASP A 73 -4.13 7.01 5.20
C ASP A 73 -4.11 6.69 3.71
N ALA A 74 -3.60 7.61 2.90
CA ALA A 74 -3.57 7.43 1.45
C ALA A 74 -2.92 6.13 0.95
N LEU A 75 -1.98 5.60 1.73
CA LEU A 75 -1.28 4.38 1.34
C LEU A 75 -1.49 3.23 2.30
N GLY A 76 -2.28 3.46 3.35
CA GLY A 76 -2.53 2.41 4.33
C GLY A 76 -1.29 2.05 5.13
N ILE A 77 -0.48 3.05 5.46
CA ILE A 77 0.74 2.81 6.22
C ILE A 77 0.52 3.15 7.69
N SER A 78 0.72 2.16 8.55
CA SER A 78 0.58 2.36 9.98
C SER A 78 1.99 2.33 10.57
N MET A 79 2.37 3.39 11.27
CA MET A 79 3.70 3.43 11.86
C MET A 79 3.93 2.28 12.83
N LYS A 80 2.95 1.97 13.67
CA LYS A 80 3.08 0.89 14.65
C LYS A 80 3.28 -0.45 13.94
N GLU A 81 2.47 -0.70 12.91
CA GLU A 81 2.53 -1.95 12.14
C GLU A 81 3.89 -2.10 11.48
N THR A 82 4.37 -1.01 10.88
CA THR A 82 5.68 -0.99 10.21
C THR A 82 6.78 -1.28 11.21
N LEU A 83 6.74 -0.62 12.37
CA LEU A 83 7.75 -0.84 13.41
C LEU A 83 7.71 -2.29 13.89
N ASP A 84 6.51 -2.84 14.01
CA ASP A 84 6.37 -4.24 14.44
C ASP A 84 7.06 -5.14 13.43
N LYS A 85 6.82 -4.87 12.15
CA LYS A 85 7.44 -5.64 11.07
C LYS A 85 8.96 -5.49 11.09
N CYS A 86 9.46 -4.27 11.35
CA CYS A 86 10.90 -4.04 11.40
C CYS A 86 11.50 -4.88 12.52
N LYS A 87 10.80 -4.92 13.65
CA LYS A 87 11.25 -5.68 14.81
C LYS A 87 11.25 -7.18 14.56
N GLU A 88 10.14 -7.68 14.03
CA GLU A 88 9.98 -9.11 13.76
C GLU A 88 10.80 -9.64 12.59
N ILE A 89 10.89 -8.87 11.51
CA ILE A 89 11.59 -9.27 10.29
C ILE A 89 13.07 -8.91 10.20
N LEU A 90 13.43 -7.71 10.64
CA LEU A 90 14.81 -7.24 10.59
C LEU A 90 15.53 -7.55 11.91
N GLY A 91 14.92 -7.12 13.01
CA GLY A 91 15.47 -7.40 14.34
C GLY A 91 16.89 -6.97 14.66
N GLY A 92 17.24 -5.76 14.27
CA GLY A 92 18.58 -5.28 14.55
C GLY A 92 18.52 -4.28 15.69
N GLU A 93 19.68 -3.72 16.04
CA GLU A 93 19.73 -2.71 17.09
C GLU A 93 19.12 -1.44 16.47
N THR A 94 19.34 -1.28 15.18
CA THR A 94 18.77 -0.15 14.44
C THR A 94 17.41 -0.63 13.92
N ILE A 95 16.42 0.26 13.90
CA ILE A 95 15.08 -0.10 13.44
C ILE A 95 15.12 -0.68 12.02
N ILE A 96 15.88 -0.04 11.14
CA ILE A 96 16.08 -0.50 9.77
C ILE A 96 17.45 -1.20 9.84
N ALA A 97 17.52 -2.45 9.38
CA ALA A 97 18.76 -3.22 9.42
C ALA A 97 18.76 -4.24 8.29
N SER A 98 19.95 -4.75 7.95
CA SER A 98 20.07 -5.74 6.89
C SER A 98 19.65 -7.11 7.38
N THR A 99 19.68 -8.09 6.49
CA THR A 99 19.34 -9.48 6.81
C THR A 99 20.27 -10.04 7.88
N ARG A 100 21.42 -9.41 8.06
CA ARG A 100 22.39 -9.85 9.06
C ARG A 100 22.32 -8.98 10.31
N ARG A 101 21.24 -8.20 10.42
CA ARG A 101 20.97 -7.30 11.55
C ARG A 101 21.94 -6.12 11.66
N GLU A 102 22.65 -5.83 10.59
CA GLU A 102 23.61 -4.73 10.59
C GLU A 102 22.93 -3.42 10.19
N PRO A 103 23.49 -2.29 10.64
CA PRO A 103 22.92 -0.98 10.31
C PRO A 103 23.10 -0.76 8.80
N LEU A 104 22.24 0.07 8.20
CA LEU A 104 22.34 0.38 6.77
C LEU A 104 22.80 1.82 6.59
N SER A 105 23.40 2.12 5.45
CA SER A 105 23.84 3.49 5.18
C SER A 105 22.85 4.10 4.18
N SER A 106 22.81 5.42 4.12
CA SER A 106 21.92 6.12 3.20
C SER A 106 22.16 5.70 1.76
N GLY A 107 23.44 5.54 1.40
CA GLY A 107 23.79 5.14 0.05
C GLY A 107 23.20 3.82 -0.36
N THR A 108 23.27 2.85 0.54
CA THR A 108 22.73 1.52 0.27
C THR A 108 21.21 1.56 0.08
N VAL A 109 20.53 2.29 0.96
CA VAL A 109 19.07 2.39 0.88
C VAL A 109 18.67 3.03 -0.43
N SER A 110 19.31 4.15 -0.78
CA SER A 110 19.02 4.86 -2.03
C SER A 110 19.27 3.99 -3.25
N ARG A 111 20.38 3.26 -3.22
CA ARG A 111 20.79 2.37 -4.31
C ARG A 111 19.76 1.28 -4.58
N TYR A 112 19.30 0.62 -3.53
CA TYR A 112 18.30 -0.42 -3.71
C TYR A 112 16.94 0.14 -4.15
N PHE A 113 16.61 1.32 -3.65
CA PHE A 113 15.36 1.99 -4.04
C PHE A 113 15.44 2.30 -5.53
N MET A 114 16.59 2.82 -5.97
CA MET A 114 16.80 3.14 -7.37
C MET A 114 16.61 1.91 -8.26
N ARG A 115 17.07 0.75 -7.79
CA ARG A 115 16.92 -0.48 -8.56
C ARG A 115 15.45 -0.92 -8.65
N ALA A 116 14.71 -0.81 -7.55
CA ALA A 116 13.30 -1.16 -7.55
C ALA A 116 12.55 -0.19 -8.48
N ARG A 117 12.95 1.08 -8.47
CA ARG A 117 12.34 2.09 -9.32
C ARG A 117 12.47 1.69 -10.78
N LYS A 118 13.68 1.28 -11.19
CA LYS A 118 13.91 0.85 -12.56
C LYS A 118 13.05 -0.37 -12.88
N ALA A 119 13.00 -1.33 -11.95
CA ALA A 119 12.23 -2.55 -12.12
C ALA A 119 10.74 -2.30 -12.38
N SER A 120 10.19 -1.23 -11.78
CA SER A 120 8.78 -0.89 -11.96
C SER A 120 8.45 -0.47 -13.40
N GLY A 121 9.44 0.07 -14.10
CA GLY A 121 9.21 0.47 -15.47
C GLY A 121 8.51 1.81 -15.63
N LEU A 122 8.43 2.58 -14.54
CA LEU A 122 7.79 3.90 -14.61
C LEU A 122 8.62 4.86 -15.44
N SER A 123 7.95 5.83 -16.06
CA SER A 123 8.64 6.85 -16.86
C SER A 123 8.40 8.16 -16.11
N PHE A 124 9.40 9.03 -16.13
CA PHE A 124 9.32 10.30 -15.42
C PHE A 124 9.72 11.47 -16.31
N GLU A 125 9.17 12.64 -16.00
CA GLU A 125 9.51 13.86 -16.72
C GLU A 125 10.72 14.44 -15.97
N GLY A 126 11.88 14.39 -16.61
CA GLY A 126 13.08 14.90 -15.96
C GLY A 126 13.75 13.77 -15.20
N ASP A 127 14.73 14.11 -14.36
CA ASP A 127 15.45 13.10 -13.58
C ASP A 127 14.50 12.35 -12.65
N PRO A 128 14.54 11.00 -12.67
CA PRO A 128 13.67 10.17 -11.83
C PRO A 128 13.84 10.48 -10.33
N PRO A 129 12.76 10.29 -9.56
CA PRO A 129 12.81 10.55 -8.11
C PRO A 129 13.71 9.54 -7.40
N THR A 130 14.40 9.99 -6.37
CA THR A 130 15.29 9.15 -5.58
C THR A 130 14.59 8.82 -4.26
N PHE A 131 15.27 8.10 -3.38
CA PHE A 131 14.67 7.76 -2.08
C PHE A 131 14.31 9.05 -1.34
N HIS A 132 15.10 10.10 -1.54
CA HIS A 132 14.82 11.38 -0.87
C HIS A 132 13.43 11.92 -1.21
N GLU A 133 12.91 11.60 -2.39
CA GLU A 133 11.60 12.09 -2.77
C GLU A 133 10.47 11.58 -1.89
N LEU A 134 10.75 10.56 -1.08
CA LEU A 134 9.76 9.99 -0.18
C LEU A 134 9.43 10.97 0.96
N ARG A 135 10.37 11.86 1.25
CA ARG A 135 10.20 12.88 2.29
C ARG A 135 9.21 13.97 1.82
N SER A 136 9.32 14.36 0.55
CA SER A 136 8.41 15.35 -0.03
C SER A 136 7.03 14.71 -0.14
N LEU A 137 6.97 13.43 -0.51
CA LEU A 137 5.70 12.73 -0.61
C LEU A 137 5.03 12.73 0.75
N SER A 138 5.79 12.40 1.79
CA SER A 138 5.30 12.40 3.17
C SER A 138 4.65 13.75 3.49
N ALA A 139 5.34 14.84 3.17
CA ALA A 139 4.84 16.18 3.42
C ALA A 139 3.51 16.47 2.72
N ARG A 140 3.43 16.19 1.40
CA ARG A 140 2.21 16.43 0.63
C ARG A 140 1.04 15.59 1.13
N LEU A 141 1.30 14.34 1.49
CA LEU A 141 0.24 13.48 1.99
C LEU A 141 -0.24 13.94 3.36
N TYR A 142 0.69 14.35 4.24
CA TYR A 142 0.35 14.83 5.58
C TYR A 142 -0.33 16.19 5.56
N GLU A 143 0.04 17.02 4.59
CA GLU A 143 -0.54 18.34 4.42
C GLU A 143 -2.04 18.20 4.12
N LYS A 144 -2.39 17.18 3.36
CA LYS A 144 -3.79 16.93 3.01
C LYS A 144 -4.54 16.24 4.16
N GLN A 145 -3.96 15.17 4.68
CA GLN A 145 -4.55 14.40 5.77
C GLN A 145 -4.71 15.14 7.09
N ILE A 146 -3.72 15.94 7.46
CA ILE A 146 -3.75 16.68 8.72
C ILE A 146 -3.68 18.18 8.47
N SER A 147 -2.50 18.70 8.16
CA SER A 147 -2.33 20.13 7.91
C SER A 147 -0.93 20.49 7.46
N ASP A 148 -0.79 21.64 6.80
CA ASP A 148 0.50 22.12 6.34
C ASP A 148 1.41 22.37 7.54
N LYS A 149 0.79 22.74 8.67
CA LYS A 149 1.52 23.01 9.91
C LYS A 149 2.11 21.73 10.48
N PHE A 150 1.33 20.66 10.45
CA PHE A 150 1.77 19.35 10.95
C PHE A 150 2.96 18.85 10.13
N ALA A 151 2.83 18.90 8.81
CA ALA A 151 3.90 18.45 7.91
C ALA A 151 5.21 19.20 8.16
N GLN A 152 5.15 20.53 8.20
CA GLN A 152 6.35 21.33 8.45
C GLN A 152 6.95 20.98 9.79
N HIS A 153 6.10 20.67 10.76
CA HIS A 153 6.54 20.29 12.09
C HIS A 153 7.28 18.96 12.05
N LEU A 154 6.67 17.97 11.41
CA LEU A 154 7.25 16.64 11.29
C LEU A 154 8.58 16.66 10.53
N LEU A 155 8.61 17.38 9.41
CA LEU A 155 9.81 17.48 8.60
C LEU A 155 10.95 18.18 9.33
N GLY A 156 10.60 19.00 10.32
CA GLY A 156 11.61 19.71 11.09
C GLY A 156 11.89 21.12 10.60
N HIS A 157 10.88 21.76 10.02
CA HIS A 157 10.99 23.13 9.52
C HIS A 157 10.28 24.09 10.48
N LYS A 158 10.19 25.29 10.14
N PHE A 166 6.72 20.77 24.79
CA PHE A 166 8.16 20.48 24.59
C PHE A 166 8.67 19.53 25.68
N ARG A 167 8.73 18.25 25.36
CA ARG A 167 9.20 17.23 26.31
C ARG A 167 10.67 17.48 26.62
N ASP A 168 10.93 18.25 27.68
CA ASP A 168 12.29 18.57 28.09
C ASP A 168 12.84 17.37 28.87
N ASP A 169 13.88 16.72 28.34
CA ASP A 169 14.48 15.57 29.02
C ASP A 169 15.64 16.01 29.93
N ARG A 170 16.58 15.12 30.20
CA ARG A 170 17.72 15.45 31.05
C ARG A 170 18.66 16.46 30.39
N GLY A 171 18.16 17.69 30.22
CA GLY A 171 18.94 18.74 29.60
C GLY A 171 18.39 19.22 28.26
N ARG A 172 18.29 18.31 27.30
CA ARG A 172 17.80 18.64 25.96
C ARG A 172 16.28 18.83 25.87
N GLU A 173 15.87 19.78 25.05
CA GLU A 173 14.47 20.08 24.84
C GLU A 173 13.97 19.46 23.54
N TRP A 174 12.86 18.73 23.61
CA TRP A 174 12.27 18.08 22.45
C TRP A 174 10.91 18.66 22.06
N ASP A 175 10.69 18.76 20.76
CA ASP A 175 9.44 19.27 20.21
C ASP A 175 8.50 18.05 20.05
N LYS A 176 7.43 18.03 20.83
CA LYS A 176 6.44 16.93 20.80
C LYS A 176 5.50 17.11 19.61
N ILE A 177 5.35 16.08 18.77
CA ILE A 177 4.46 16.16 17.63
C ILE A 177 3.07 15.71 18.09
N GLU A 178 2.06 16.49 17.73
CA GLU A 178 0.68 16.19 18.13
C GLU A 178 -0.25 15.90 16.96
N ILE A 179 -1.40 15.32 17.31
CA ILE A 179 -2.48 14.92 16.38
C ILE A 179 -1.99 14.02 15.25
N ARG B 1 -10.05 -24.94 -14.46
CA ARG B 1 -9.21 -24.29 -15.49
C ARG B 1 -7.96 -23.70 -14.85
N SER B 2 -7.05 -23.22 -15.68
CA SER B 2 -5.79 -22.61 -15.24
C SER B 2 -5.99 -21.54 -14.18
N ARG B 3 -4.97 -21.36 -13.35
CA ARG B 3 -5.00 -20.37 -12.29
C ARG B 3 -4.33 -19.10 -12.83
N LEU B 4 -4.30 -18.07 -12.00
CA LEU B 4 -3.67 -16.81 -12.35
C LEU B 4 -2.59 -16.51 -11.31
N THR B 5 -1.35 -16.36 -11.77
CA THR B 5 -0.22 -16.08 -10.89
C THR B 5 -0.06 -14.55 -10.80
N ALA B 6 0.70 -14.07 -9.83
CA ALA B 6 0.91 -12.63 -9.67
C ALA B 6 1.58 -12.00 -10.90
N ASP B 7 2.57 -12.69 -11.46
CA ASP B 7 3.28 -12.18 -12.64
C ASP B 7 2.33 -12.10 -13.84
N GLU B 8 1.41 -13.06 -13.94
CA GLU B 8 0.43 -13.06 -15.03
C GLU B 8 -0.53 -11.88 -14.85
N TYR B 9 -0.91 -11.60 -13.61
CA TYR B 9 -1.79 -10.47 -13.30
C TYR B 9 -1.13 -9.18 -13.78
N LEU B 10 0.18 -9.05 -13.51
CA LEU B 10 0.93 -7.86 -13.91
C LEU B 10 0.93 -7.67 -15.42
N LYS B 11 1.10 -8.77 -16.17
CA LYS B 11 1.10 -8.70 -17.64
C LYS B 11 -0.27 -8.26 -18.18
N ILE B 12 -1.35 -8.81 -17.62
CA ILE B 12 -2.72 -8.48 -18.05
C ILE B 12 -3.01 -7.03 -17.66
N TYR B 13 -2.59 -6.65 -16.46
CA TYR B 13 -2.81 -5.29 -15.97
C TYR B 13 -2.13 -4.32 -16.95
N GLN B 14 -0.94 -4.68 -17.42
CA GLN B 14 -0.21 -3.85 -18.35
C GLN B 14 -0.98 -3.70 -19.67
N ALA B 15 -1.54 -4.81 -20.17
CA ALA B 15 -2.31 -4.83 -21.40
C ALA B 15 -3.63 -4.07 -21.25
N ALA B 16 -4.12 -3.97 -20.01
CA ALA B 16 -5.37 -3.26 -19.73
C ALA B 16 -5.22 -1.76 -19.95
N GLU B 17 -4.02 -1.34 -20.35
CA GLU B 17 -3.70 0.04 -20.66
C GLU B 17 -4.74 0.67 -21.57
N SER B 18 -5.12 -0.08 -22.61
CA SER B 18 -6.10 0.39 -23.59
C SER B 18 -7.52 -0.06 -23.31
N SER B 19 -7.77 -0.50 -22.08
CA SER B 19 -9.10 -0.93 -21.67
C SER B 19 -9.76 0.24 -20.95
N PRO B 20 -11.08 0.16 -20.72
CA PRO B 20 -11.75 1.26 -20.01
C PRO B 20 -11.07 1.39 -18.64
N CYS B 21 -10.98 2.60 -18.10
CA CYS B 21 -10.34 2.84 -16.81
C CYS B 21 -10.78 1.98 -15.63
N TRP B 22 -12.06 1.62 -15.59
CA TRP B 22 -12.58 0.81 -14.49
C TRP B 22 -12.01 -0.61 -14.44
N LEU B 23 -11.52 -1.13 -15.56
CA LEU B 23 -11.00 -2.50 -15.54
C LEU B 23 -9.82 -2.66 -14.58
N ARG B 24 -8.81 -1.83 -14.71
CA ARG B 24 -7.66 -1.92 -13.80
C ARG B 24 -8.09 -1.72 -12.36
N LEU B 25 -9.03 -0.81 -12.13
CA LEU B 25 -9.53 -0.54 -10.78
C LEU B 25 -10.31 -1.74 -10.21
N ALA B 26 -11.07 -2.42 -11.08
CA ALA B 26 -11.83 -3.60 -10.67
C ALA B 26 -10.85 -4.74 -10.34
N MET B 27 -9.75 -4.83 -11.10
CA MET B 27 -8.75 -5.87 -10.87
C MET B 27 -8.09 -5.66 -9.51
N GLU B 28 -7.75 -4.42 -9.20
CA GLU B 28 -7.13 -4.09 -7.92
C GLU B 28 -8.08 -4.40 -6.78
N LEU B 29 -9.33 -3.95 -6.91
CA LEU B 29 -10.34 -4.18 -5.87
C LEU B 29 -10.62 -5.67 -5.67
N ALA B 30 -10.64 -6.44 -6.76
CA ALA B 30 -10.87 -7.88 -6.71
C ALA B 30 -9.78 -8.62 -5.89
N VAL B 31 -8.52 -8.28 -6.13
CA VAL B 31 -7.41 -8.92 -5.42
C VAL B 31 -7.27 -8.47 -3.96
N VAL B 32 -7.44 -7.18 -3.68
CA VAL B 32 -7.30 -6.69 -2.32
C VAL B 32 -8.49 -7.01 -1.39
N THR B 33 -9.69 -7.19 -1.94
CA THR B 33 -10.85 -7.53 -1.10
C THR B 33 -11.19 -9.00 -1.19
N GLY B 34 -10.71 -9.68 -2.23
CA GLY B 34 -10.98 -11.10 -2.42
C GLY B 34 -12.44 -11.46 -2.64
N GLN B 35 -13.28 -10.47 -2.93
CA GLN B 35 -14.71 -10.72 -3.13
C GLN B 35 -15.09 -11.15 -4.56
N ARG B 36 -16.17 -11.92 -4.68
CA ARG B 36 -16.62 -12.39 -5.99
C ARG B 36 -17.03 -11.20 -6.85
N VAL B 37 -16.86 -11.33 -8.17
CA VAL B 37 -17.19 -10.24 -9.09
C VAL B 37 -18.62 -9.73 -8.92
N GLY B 38 -19.56 -10.62 -8.62
CA GLY B 38 -20.94 -10.21 -8.43
C GLY B 38 -21.08 -9.23 -7.28
N ASP B 39 -20.33 -9.47 -6.22
CA ASP B 39 -20.37 -8.59 -5.06
C ASP B 39 -19.62 -7.29 -5.33
N LEU B 40 -18.49 -7.39 -6.04
CA LEU B 40 -17.72 -6.19 -6.39
C LEU B 40 -18.61 -5.20 -7.14
N CYS B 41 -19.40 -5.71 -8.07
CA CYS B 41 -20.29 -4.87 -8.88
C CYS B 41 -21.42 -4.23 -8.07
N GLU B 42 -21.78 -4.86 -6.94
CA GLU B 42 -22.84 -4.35 -6.08
C GLU B 42 -22.36 -3.31 -5.08
N MET B 43 -21.06 -3.28 -4.79
CA MET B 43 -20.51 -2.34 -3.82
C MET B 43 -20.84 -0.88 -4.12
N LYS B 44 -21.23 -0.16 -3.07
CA LYS B 44 -21.59 1.25 -3.17
C LYS B 44 -20.83 2.03 -2.11
N TRP B 45 -20.70 3.34 -2.35
CA TRP B 45 -20.00 4.20 -1.41
C TRP B 45 -20.65 4.22 -0.03
N SER B 46 -21.98 4.11 0.02
CA SER B 46 -22.69 4.09 1.29
C SER B 46 -22.41 2.80 2.08
N ASP B 47 -21.68 1.85 1.48
CA ASP B 47 -21.32 0.60 2.15
C ASP B 47 -20.09 0.79 3.02
N ILE B 48 -19.38 1.90 2.83
CA ILE B 48 -18.19 2.19 3.62
C ILE B 48 -18.57 3.10 4.79
N VAL B 49 -18.31 2.64 5.99
CA VAL B 49 -18.61 3.40 7.19
C VAL B 49 -17.44 3.26 8.15
N ASP B 50 -16.86 4.40 8.55
CA ASP B 50 -15.75 4.42 9.51
C ASP B 50 -14.58 3.47 9.21
N GLY B 51 -14.08 3.53 7.99
CA GLY B 51 -12.95 2.69 7.60
C GLY B 51 -13.25 1.23 7.35
N TYR B 52 -14.52 0.88 7.23
CA TYR B 52 -14.91 -0.50 6.97
C TYR B 52 -15.90 -0.58 5.81
N LEU B 53 -15.65 -1.50 4.89
CA LEU B 53 -16.51 -1.74 3.73
C LEU B 53 -17.35 -2.95 4.09
N TYR B 54 -18.66 -2.74 4.28
CA TYR B 54 -19.57 -3.81 4.62
C TYR B 54 -20.07 -4.54 3.40
N VAL B 55 -19.90 -5.85 3.40
CA VAL B 55 -20.29 -6.67 2.27
C VAL B 55 -21.15 -7.86 2.67
N GLU B 56 -22.35 -7.94 2.10
CA GLU B 56 -23.17 -9.12 2.34
C GLU B 56 -23.09 -9.86 1.03
N GLN B 57 -22.40 -10.99 1.02
CA GLN B 57 -22.23 -11.78 -0.19
C GLN B 57 -23.59 -12.27 -0.71
N SER B 58 -23.90 -11.94 -1.96
CA SER B 58 -25.15 -12.30 -2.61
C SER B 58 -25.43 -13.79 -2.66
N LYS B 59 -24.40 -14.57 -2.99
CA LYS B 59 -24.54 -16.01 -3.10
C LYS B 59 -24.68 -16.75 -1.78
N THR B 60 -23.91 -16.35 -0.78
CA THR B 60 -23.88 -17.05 0.49
C THR B 60 -24.59 -16.39 1.68
N GLY B 61 -24.82 -15.09 1.61
CA GLY B 61 -25.45 -14.39 2.71
C GLY B 61 -24.44 -13.99 3.78
N VAL B 62 -23.18 -14.40 3.62
CA VAL B 62 -22.11 -14.09 4.55
C VAL B 62 -21.92 -12.57 4.63
N LYS B 63 -22.00 -12.03 5.84
CA LYS B 63 -21.86 -10.60 6.07
C LYS B 63 -20.52 -10.32 6.74
N ILE B 64 -19.64 -9.60 6.04
CA ILE B 64 -18.33 -9.27 6.56
C ILE B 64 -18.01 -7.79 6.44
N ALA B 65 -17.18 -7.29 7.34
CA ALA B 65 -16.78 -5.89 7.33
C ALA B 65 -15.28 -5.85 7.06
N ILE B 66 -14.91 -5.42 5.86
CA ILE B 66 -13.52 -5.35 5.40
C ILE B 66 -12.82 -4.02 5.71
N PRO B 67 -11.72 -4.04 6.49
CA PRO B 67 -11.00 -2.80 6.82
C PRO B 67 -10.34 -2.20 5.57
N THR B 68 -10.58 -0.92 5.31
CA THR B 68 -10.04 -0.26 4.13
C THR B 68 -8.54 -0.01 4.22
N ALA B 69 -7.95 -0.42 5.34
CA ALA B 69 -6.52 -0.26 5.54
C ALA B 69 -5.75 -1.46 4.96
N LEU B 70 -6.47 -2.45 4.45
CA LEU B 70 -5.83 -3.63 3.88
C LEU B 70 -4.93 -3.30 2.69
N HIS B 71 -3.96 -4.18 2.43
CA HIS B 71 -3.05 -4.03 1.31
C HIS B 71 -2.44 -5.35 0.93
N ILE B 72 -2.17 -5.52 -0.36
CA ILE B 72 -1.56 -6.73 -0.90
C ILE B 72 -0.14 -6.31 -1.29
N ASP B 73 0.86 -6.88 -0.63
CA ASP B 73 2.26 -6.53 -0.89
C ASP B 73 2.80 -6.93 -2.25
N ALA B 74 2.56 -8.18 -2.63
CA ALA B 74 3.05 -8.71 -3.90
C ALA B 74 2.70 -7.88 -5.12
N LEU B 75 1.53 -7.27 -5.12
CA LEU B 75 1.07 -6.45 -6.25
C LEU B 75 1.05 -4.97 -5.94
N GLY B 76 1.49 -4.58 -4.75
CA GLY B 76 1.52 -3.18 -4.38
C GLY B 76 0.14 -2.53 -4.46
N ILE B 77 -0.86 -3.16 -3.87
CA ILE B 77 -2.21 -2.61 -3.87
C ILE B 77 -2.63 -2.18 -2.48
N SER B 78 -3.02 -0.91 -2.35
CA SER B 78 -3.51 -0.37 -1.09
C SER B 78 -5.00 -0.23 -1.31
N MET B 79 -5.83 -0.85 -0.46
CA MET B 79 -7.27 -0.77 -0.64
C MET B 79 -7.77 0.67 -0.60
N LYS B 80 -7.25 1.45 0.33
CA LYS B 80 -7.66 2.85 0.44
C LYS B 80 -7.28 3.62 -0.82
N GLU B 81 -6.07 3.39 -1.32
CA GLU B 81 -5.59 4.07 -2.52
C GLU B 81 -6.45 3.70 -3.73
N THR B 82 -6.81 2.43 -3.84
CA THR B 82 -7.65 1.97 -4.94
C THR B 82 -9.03 2.62 -4.83
N LEU B 83 -9.57 2.67 -3.61
CA LEU B 83 -10.88 3.28 -3.38
C LEU B 83 -10.83 4.77 -3.73
N ASP B 84 -9.73 5.44 -3.38
CA ASP B 84 -9.57 6.86 -3.69
C ASP B 84 -9.61 7.05 -5.20
N LYS B 85 -8.95 6.15 -5.92
CA LYS B 85 -8.92 6.20 -7.38
C LYS B 85 -10.32 5.94 -7.96
N CYS B 86 -11.04 4.98 -7.39
CA CYS B 86 -12.39 4.68 -7.87
C CYS B 86 -13.29 5.90 -7.69
N LYS B 87 -13.14 6.58 -6.56
CA LYS B 87 -13.94 7.78 -6.25
C LYS B 87 -13.66 8.92 -7.22
N GLU B 88 -12.39 9.21 -7.44
CA GLU B 88 -11.98 10.30 -8.32
C GLU B 88 -12.12 10.03 -9.82
N ILE B 89 -11.69 8.85 -10.25
CA ILE B 89 -11.72 8.49 -11.66
C ILE B 89 -13.09 8.06 -12.18
N LEU B 90 -13.76 7.17 -11.46
CA LEU B 90 -15.06 6.65 -11.89
C LEU B 90 -16.23 7.52 -11.41
N GLY B 91 -16.21 7.91 -10.14
CA GLY B 91 -17.24 8.76 -9.56
C GLY B 91 -18.68 8.34 -9.67
N GLY B 92 -18.97 7.06 -9.47
CA GLY B 92 -20.35 6.60 -9.56
C GLY B 92 -20.97 6.36 -8.19
N GLU B 93 -22.22 5.92 -8.16
CA GLU B 93 -22.88 5.61 -6.89
C GLU B 93 -22.28 4.26 -6.45
N THR B 94 -21.94 3.44 -7.44
CA THR B 94 -21.31 2.15 -7.18
C THR B 94 -19.81 2.43 -7.19
N ILE B 95 -19.05 1.75 -6.33
CA ILE B 95 -17.59 1.92 -6.24
C ILE B 95 -16.94 1.69 -7.62
N ILE B 96 -17.36 0.60 -8.25
CA ILE B 96 -16.91 0.24 -9.60
C ILE B 96 -18.04 0.74 -10.51
N ALA B 97 -17.69 1.52 -11.53
CA ALA B 97 -18.71 2.05 -12.44
C ALA B 97 -18.17 2.24 -13.84
N SER B 98 -19.08 2.29 -14.81
CA SER B 98 -18.71 2.46 -16.20
C SER B 98 -18.24 3.89 -16.46
N THR B 99 -17.81 4.14 -17.69
CA THR B 99 -17.35 5.46 -18.11
C THR B 99 -18.50 6.48 -17.99
N ARG B 100 -19.74 6.00 -18.14
CA ARG B 100 -20.91 6.88 -18.04
C ARG B 100 -21.49 6.83 -16.63
N ARG B 101 -20.66 6.44 -15.67
CA ARG B 101 -20.99 6.35 -14.25
C ARG B 101 -22.10 5.37 -13.84
N GLU B 102 -22.38 4.40 -14.70
CA GLU B 102 -23.42 3.42 -14.41
C GLU B 102 -22.86 2.15 -13.78
N PRO B 103 -23.70 1.41 -13.03
CA PRO B 103 -23.22 0.17 -12.43
C PRO B 103 -22.80 -0.83 -13.51
N LEU B 104 -21.83 -1.68 -13.18
CA LEU B 104 -21.33 -2.70 -14.10
C LEU B 104 -21.90 -4.06 -13.71
N SER B 105 -21.96 -4.97 -14.66
CA SER B 105 -22.46 -6.32 -14.37
C SER B 105 -21.26 -7.25 -14.40
N SER B 106 -21.43 -8.45 -13.85
CA SER B 106 -20.34 -9.43 -13.82
C SER B 106 -19.88 -9.81 -15.23
N GLY B 107 -20.84 -9.95 -16.14
CA GLY B 107 -20.54 -10.33 -17.51
C GLY B 107 -19.67 -9.31 -18.21
N THR B 108 -19.97 -8.04 -18.02
CA THR B 108 -19.19 -6.99 -18.65
C THR B 108 -17.76 -6.95 -18.12
N VAL B 109 -17.62 -7.02 -16.80
CA VAL B 109 -16.29 -7.00 -16.18
C VAL B 109 -15.46 -8.20 -16.66
N SER B 110 -16.06 -9.38 -16.63
CA SER B 110 -15.41 -10.61 -17.06
C SER B 110 -15.02 -10.57 -18.54
N ARG B 111 -15.89 -9.98 -19.35
CA ARG B 111 -15.65 -9.86 -20.79
C ARG B 111 -14.47 -8.95 -21.09
N TYR B 112 -14.38 -7.80 -20.41
CA TYR B 112 -13.26 -6.89 -20.66
C TYR B 112 -11.94 -7.45 -20.13
N PHE B 113 -12.01 -8.19 -19.03
CA PHE B 113 -10.81 -8.81 -18.48
C PHE B 113 -10.28 -9.83 -19.49
N MET B 114 -11.21 -10.56 -20.11
CA MET B 114 -10.87 -11.58 -21.10
C MET B 114 -10.15 -10.95 -22.31
N ARG B 115 -10.58 -9.77 -22.71
CA ARG B 115 -9.97 -9.06 -23.83
C ARG B 115 -8.57 -8.59 -23.46
N ALA B 116 -8.42 -8.07 -22.25
CA ALA B 116 -7.10 -7.62 -21.78
C ALA B 116 -6.18 -8.85 -21.71
N ARG B 117 -6.72 -9.97 -21.25
CA ARG B 117 -5.97 -11.21 -21.14
C ARG B 117 -5.44 -11.63 -22.51
N LYS B 118 -6.29 -11.58 -23.54
CA LYS B 118 -5.86 -11.96 -24.88
C LYS B 118 -4.79 -10.99 -25.39
N ALA B 119 -4.98 -9.71 -25.10
CA ALA B 119 -4.05 -8.68 -25.54
C ALA B 119 -2.63 -8.84 -24.94
N SER B 120 -2.52 -9.50 -23.79
CA SER B 120 -1.22 -9.69 -23.14
C SER B 120 -0.35 -10.77 -23.79
N GLY B 121 -0.95 -11.61 -24.64
CA GLY B 121 -0.18 -12.65 -25.30
C GLY B 121 0.23 -13.83 -24.43
N LEU B 122 -0.29 -13.91 -23.21
CA LEU B 122 0.06 -15.02 -22.34
C LEU B 122 -0.51 -16.35 -22.84
N SER B 123 0.17 -17.45 -22.50
CA SER B 123 -0.25 -18.81 -22.86
C SER B 123 -0.52 -19.53 -21.54
N PHE B 124 -1.56 -20.36 -21.51
CA PHE B 124 -1.91 -21.08 -20.31
C PHE B 124 -2.11 -22.57 -20.60
N GLU B 125 -1.88 -23.41 -19.60
CA GLU B 125 -2.08 -24.83 -19.74
C GLU B 125 -3.57 -25.03 -19.41
N GLY B 126 -4.34 -25.39 -20.42
CA GLY B 126 -5.77 -25.57 -20.20
C GLY B 126 -6.47 -24.25 -20.40
N ASP B 127 -7.75 -24.20 -20.05
CA ASP B 127 -8.56 -22.99 -20.20
C ASP B 127 -7.96 -21.81 -19.45
N PRO B 128 -7.77 -20.67 -20.14
CA PRO B 128 -7.21 -19.45 -19.53
C PRO B 128 -8.03 -19.01 -18.32
N PRO B 129 -7.39 -18.36 -17.35
CA PRO B 129 -8.10 -17.90 -16.15
C PRO B 129 -9.03 -16.74 -16.50
N THR B 130 -10.18 -16.70 -15.86
CA THR B 130 -11.17 -15.65 -16.07
C THR B 130 -11.03 -14.65 -14.93
N PHE B 131 -11.86 -13.61 -14.92
CA PHE B 131 -11.81 -12.62 -13.85
C PHE B 131 -12.02 -13.29 -12.50
N HIS B 132 -12.81 -14.37 -12.49
CA HIS B 132 -13.10 -15.11 -11.26
C HIS B 132 -11.83 -15.60 -10.57
N GLU B 133 -10.79 -15.91 -11.34
CA GLU B 133 -9.53 -16.40 -10.78
C GLU B 133 -8.78 -15.40 -9.93
N LEU B 134 -9.16 -14.13 -10.01
CA LEU B 134 -8.53 -13.10 -9.19
C LEU B 134 -8.87 -13.37 -7.71
N ARG B 135 -9.98 -14.06 -7.46
CA ARG B 135 -10.41 -14.39 -6.10
C ARG B 135 -9.47 -15.45 -5.47
N SER B 136 -9.08 -16.43 -6.28
CA SER B 136 -8.15 -17.47 -5.81
C SER B 136 -6.78 -16.87 -5.61
N LEU B 137 -6.37 -15.98 -6.52
CA LEU B 137 -5.08 -15.31 -6.43
C LEU B 137 -5.04 -14.53 -5.12
N SER B 138 -6.13 -13.85 -4.80
CA SER B 138 -6.24 -13.09 -3.56
C SER B 138 -5.98 -13.99 -2.36
N ALA B 139 -6.65 -15.14 -2.33
CA ALA B 139 -6.50 -16.09 -1.23
C ALA B 139 -5.05 -16.58 -1.12
N ARG B 140 -4.47 -17.01 -2.23
CA ARG B 140 -3.10 -17.48 -2.24
C ARG B 140 -2.10 -16.41 -1.79
N LEU B 141 -2.35 -15.17 -2.17
CA LEU B 141 -1.47 -14.08 -1.78
C LEU B 141 -1.62 -13.72 -0.31
N TYR B 142 -2.87 -13.63 0.16
CA TYR B 142 -3.13 -13.30 1.56
C TYR B 142 -2.67 -14.39 2.52
N GLU B 143 -2.62 -15.62 2.02
CA GLU B 143 -2.18 -16.75 2.82
C GLU B 143 -0.70 -16.58 3.15
N LYS B 144 0.13 -16.36 2.12
CA LYS B 144 1.56 -16.18 2.32
C LYS B 144 1.85 -14.93 3.16
N GLN B 145 1.20 -13.82 2.80
CA GLN B 145 1.41 -12.55 3.47
C GLN B 145 0.92 -12.49 4.92
N ILE B 146 -0.18 -13.17 5.21
CA ILE B 146 -0.71 -13.16 6.57
C ILE B 146 -0.89 -14.60 7.08
N SER B 147 -1.94 -15.28 6.62
CA SER B 147 -2.20 -16.66 7.02
C SER B 147 -3.38 -17.25 6.26
N ASP B 148 -3.41 -18.58 6.16
CA ASP B 148 -4.50 -19.28 5.48
C ASP B 148 -5.81 -18.95 6.19
N LYS B 149 -5.74 -18.73 7.50
CA LYS B 149 -6.93 -18.39 8.29
C LYS B 149 -7.48 -17.05 7.81
N PHE B 150 -6.61 -16.07 7.66
CA PHE B 150 -7.03 -14.75 7.20
C PHE B 150 -7.66 -14.83 5.81
N ALA B 151 -7.01 -15.57 4.92
CA ALA B 151 -7.50 -15.73 3.56
C ALA B 151 -8.94 -16.28 3.60
N GLN B 152 -9.14 -17.34 4.37
CA GLN B 152 -10.46 -17.97 4.49
C GLN B 152 -11.50 -17.04 5.08
N HIS B 153 -11.10 -16.29 6.10
CA HIS B 153 -12.00 -15.36 6.75
C HIS B 153 -12.45 -14.27 5.76
N LEU B 154 -11.51 -13.74 4.99
CA LEU B 154 -11.81 -12.70 4.00
C LEU B 154 -12.69 -13.16 2.84
N LEU B 155 -12.43 -14.37 2.35
CA LEU B 155 -13.21 -14.92 1.25
C LEU B 155 -14.66 -15.18 1.65
N GLY B 156 -14.92 -15.25 2.95
CA GLY B 156 -16.26 -15.51 3.43
C GLY B 156 -16.47 -16.94 3.88
N HIS B 157 -15.38 -17.69 4.00
CA HIS B 157 -15.46 -19.08 4.43
C HIS B 157 -15.33 -19.22 5.94
N LYS B 158 -15.09 -18.09 6.62
CA LYS B 158 -14.91 -18.02 8.09
C LYS B 158 -13.48 -18.40 8.51
N SER B 159 -13.05 -19.54 8.24
N TRP B 174 -22.73 -8.86 11.39
CA TRP B 174 -21.53 -8.49 10.57
C TRP B 174 -20.28 -9.04 11.21
N ASP B 175 -19.48 -9.74 10.42
CA ASP B 175 -18.25 -10.37 10.87
C ASP B 175 -17.06 -9.51 10.45
N LYS B 176 -16.52 -8.75 11.40
CA LYS B 176 -15.40 -7.86 11.16
C LYS B 176 -14.11 -8.60 10.81
N ILE B 177 -13.42 -8.12 9.78
CA ILE B 177 -12.16 -8.72 9.36
C ILE B 177 -11.07 -7.86 10.00
N GLU B 178 -10.11 -8.49 10.68
CA GLU B 178 -9.04 -7.76 11.35
C GLU B 178 -7.68 -8.31 10.94
N ILE B 179 -6.65 -7.49 11.16
CA ILE B 179 -5.23 -7.77 10.82
C ILE B 179 -4.98 -7.22 9.40
#